data_3LOM
#
_entry.id   3LOM
#
_cell.length_a   94.775
_cell.length_b   94.775
_cell.length_c   148.345
_cell.angle_alpha   90.00
_cell.angle_beta   90.00
_cell.angle_gamma   90.00
#
_symmetry.space_group_name_H-M   'P 43 21 2'
#
loop_
_entity.id
_entity.type
_entity.pdbx_description
1 polymer Geranyltranstransferase
2 non-polymer 'PHOSPHATE ION'
3 water water
#
_entity_poly.entity_id   1
_entity_poly.type   'polypeptide(L)'
_entity_poly.pdbx_seq_one_letter_code
;MSLNSTQMNKQVIDKYTQRHELYLEQLLNEIIIPAPQIRSALHYALFSGGKRIRPILVYLAGDLIDVDQGVLDIIAAALE
LTHCYSLIHDDLPAMDNDDLRRGKPSCHKAFDEATAILVGDGMQALAIEVLLMRLSPLLPAAQVVAITQVLVNASGISGM
VSGQSLDLSELAKSSVTEEQLREIHLLKTGKLILACFEMVLAAQHEVSEQIKSALRTYGKHIGLVFQMQDDYLDLYAPTQ
ILGKGRSSDQANQKTTFATLFNKQQLEEEIAVHYQIAMDSLRLFGSKAAALIELTKQLQNRSNLSEGHHHHHH
;
_entity_poly.pdbx_strand_id   A,B
#
loop_
_chem_comp.id
_chem_comp.type
_chem_comp.name
_chem_comp.formula
PO4 non-polymer 'PHOSPHATE ION' 'O4 P -3'
#
# COMPACT_ATOMS: atom_id res chain seq x y z
N ASN A 4 -7.11 -10.30 -42.47
CA ASN A 4 -6.78 -8.90 -42.10
C ASN A 4 -7.24 -8.51 -40.70
N SER A 5 -8.52 -8.14 -40.57
CA SER A 5 -9.07 -7.55 -39.34
C SER A 5 -9.26 -8.51 -38.16
N THR A 6 -9.25 -9.82 -38.43
CA THR A 6 -9.25 -10.83 -37.36
C THR A 6 -7.83 -11.02 -36.80
N GLN A 7 -6.84 -10.49 -37.52
CA GLN A 7 -5.44 -10.52 -37.09
C GLN A 7 -4.88 -9.12 -36.85
N MET A 8 -5.58 -8.10 -37.35
CA MET A 8 -5.23 -6.69 -37.09
C MET A 8 -5.48 -6.33 -35.63
N ASN A 9 -6.65 -6.73 -35.13
CA ASN A 9 -7.05 -6.48 -33.74
C ASN A 9 -6.42 -7.47 -32.75
N LYS A 10 -6.11 -8.67 -33.24
CA LYS A 10 -5.45 -9.70 -32.43
C LYS A 10 -4.02 -9.29 -32.10
N GLN A 11 -3.35 -8.67 -33.07
CA GLN A 11 -1.99 -8.17 -32.89
C GLN A 11 -1.93 -6.90 -32.03
N VAL A 12 -3.03 -6.16 -32.01
CA VAL A 12 -3.17 -4.96 -31.16
C VAL A 12 -3.09 -5.35 -29.67
N ILE A 13 -3.74 -6.47 -29.32
CA ILE A 13 -3.66 -7.05 -27.98
C ILE A 13 -2.24 -7.55 -27.66
N ASP A 14 -1.62 -8.23 -28.63
CA ASP A 14 -0.24 -8.72 -28.50
C ASP A 14 0.75 -7.59 -28.28
N LYS A 15 0.55 -6.48 -28.99
CA LYS A 15 1.41 -5.31 -28.93
C LYS A 15 1.28 -4.57 -27.61
N TYR A 16 0.08 -4.61 -27.02
CA TYR A 16 -0.18 -3.95 -25.75
C TYR A 16 0.50 -4.61 -24.55
N THR A 17 0.56 -5.94 -24.53
CA THR A 17 1.34 -6.68 -23.52
C THR A 17 2.83 -6.32 -23.59
N GLN A 18 3.40 -6.44 -24.80
CA GLN A 18 4.80 -6.08 -25.07
C GLN A 18 5.14 -4.66 -24.61
N ARG A 19 4.26 -3.70 -24.93
CA ARG A 19 4.42 -2.31 -24.50
C ARG A 19 4.40 -2.19 -22.98
N HIS A 20 3.48 -2.92 -22.36
CA HIS A 20 3.31 -2.90 -20.90
C HIS A 20 4.51 -3.50 -20.17
N GLU A 21 5.00 -4.64 -20.66
CA GLU A 21 6.18 -5.30 -20.07
C GLU A 21 7.44 -4.44 -20.21
N LEU A 22 7.57 -3.78 -21.35
CA LEU A 22 8.71 -2.91 -21.66
C LEU A 22 8.68 -1.68 -20.76
N TYR A 23 7.47 -1.17 -20.51
CA TYR A 23 7.31 -0.01 -19.63
C TYR A 23 7.59 -0.36 -18.17
N LEU A 24 7.25 -1.58 -17.76
CA LEU A 24 7.55 -2.03 -16.38
C LEU A 24 9.04 -2.17 -16.10
N GLU A 25 9.77 -2.78 -17.06
CA GLU A 25 11.23 -2.93 -16.98
C GLU A 25 11.94 -1.60 -16.79
N GLN A 26 11.61 -0.64 -17.65
CA GLN A 26 12.20 0.68 -17.61
C GLN A 26 11.95 1.32 -16.26
N LEU A 27 10.68 1.28 -15.85
CA LEU A 27 10.23 1.76 -14.55
C LEU A 27 11.01 1.15 -13.38
N LEU A 28 11.10 -0.18 -13.35
CA LEU A 28 11.85 -0.90 -12.30
C LEU A 28 13.34 -0.53 -12.27
N ASN A 29 13.95 -0.37 -13.44
CA ASN A 29 15.38 -0.07 -13.55
C ASN A 29 15.73 1.38 -13.16
N GLU A 30 14.72 2.19 -12.88
CA GLU A 30 14.93 3.60 -12.48
C GLU A 30 14.83 3.84 -10.98
N ILE A 31 14.00 3.05 -10.28
CA ILE A 31 13.84 3.18 -8.82
C ILE A 31 15.08 2.68 -8.08
N ILE A 32 15.45 3.42 -7.02
CA ILE A 32 16.51 3.00 -6.12
C ILE A 32 15.97 1.85 -5.26
N ILE A 33 16.51 0.65 -5.46
CA ILE A 33 16.10 -0.50 -4.67
C ILE A 33 17.32 -1.03 -3.94
N PRO A 34 17.58 -0.55 -2.71
CA PRO A 34 18.80 -0.90 -1.97
C PRO A 34 18.99 -2.38 -1.61
N ALA A 35 17.89 -3.15 -1.59
CA ALA A 35 17.99 -4.59 -1.28
C ALA A 35 17.95 -5.44 -2.54
N PRO A 36 19.06 -6.19 -2.82
CA PRO A 36 19.12 -7.11 -3.96
C PRO A 36 18.04 -8.19 -3.98
N GLN A 37 17.68 -8.73 -2.81
CA GLN A 37 16.55 -9.67 -2.68
C GLN A 37 15.26 -9.05 -3.19
N ILE A 38 15.03 -7.78 -2.87
CA ILE A 38 13.81 -7.11 -3.30
C ILE A 38 13.76 -6.95 -4.83
N ARG A 39 14.78 -6.35 -5.42
CA ARG A 39 14.78 -6.16 -6.90
C ARG A 39 14.78 -7.48 -7.67
N SER A 40 15.40 -8.51 -7.11
CA SER A 40 15.33 -9.84 -7.71
C SER A 40 13.92 -10.41 -7.66
N ALA A 41 13.29 -10.34 -6.49
CA ALA A 41 11.95 -10.92 -6.33
C ALA A 41 10.85 -10.12 -7.05
N LEU A 42 10.96 -8.80 -7.01
CA LEU A 42 10.13 -7.93 -7.87
C LEU A 42 10.10 -8.38 -9.32
N HIS A 43 11.28 -8.58 -9.90
CA HIS A 43 11.41 -8.98 -11.30
C HIS A 43 10.91 -10.40 -11.53
N TYR A 44 11.11 -11.28 -10.56
CA TYR A 44 10.58 -12.65 -10.66
C TYR A 44 9.06 -12.68 -10.70
N ALA A 45 8.45 -11.89 -9.82
CA ALA A 45 7.01 -11.88 -9.67
C ALA A 45 6.29 -11.18 -10.83
N LEU A 46 6.84 -10.04 -11.27
CA LEU A 46 6.19 -9.19 -12.28
C LEU A 46 6.20 -9.67 -13.72
N PHE A 47 7.10 -10.59 -14.07
CA PHE A 47 7.22 -10.97 -15.48
C PHE A 47 6.99 -12.45 -15.70
N SER A 48 5.99 -12.74 -16.53
CA SER A 48 5.62 -14.11 -16.87
C SER A 48 5.20 -14.20 -18.33
N GLY A 49 4.98 -15.43 -18.78
CA GLY A 49 4.40 -15.70 -20.09
C GLY A 49 2.89 -15.46 -20.10
N GLY A 50 2.32 -15.45 -21.30
CA GLY A 50 0.90 -15.11 -21.47
C GLY A 50 0.63 -13.63 -21.30
N LYS A 51 -0.64 -13.26 -21.30
CA LYS A 51 -1.03 -11.85 -21.15
C LYS A 51 -1.75 -11.52 -19.83
N ARG A 52 -1.59 -10.28 -19.39
CA ARG A 52 -2.21 -9.76 -18.17
CA ARG A 52 -2.23 -9.78 -18.19
C ARG A 52 -3.41 -8.89 -18.55
N ILE A 53 -4.62 -9.35 -18.20
CA ILE A 53 -5.88 -8.73 -18.64
C ILE A 53 -6.13 -7.27 -18.23
N ARG A 54 -5.78 -6.90 -16.99
CA ARG A 54 -6.03 -5.53 -16.50
C ARG A 54 -5.33 -4.38 -17.28
N PRO A 55 -4.01 -4.50 -17.58
CA PRO A 55 -3.39 -3.46 -18.42
C PRO A 55 -3.99 -3.31 -19.81
N ILE A 56 -4.36 -4.42 -20.44
CA ILE A 56 -4.99 -4.42 -21.76
C ILE A 56 -6.32 -3.66 -21.73
N LEU A 57 -7.15 -3.94 -20.72
CA LEU A 57 -8.43 -3.26 -20.54
C LEU A 57 -8.26 -1.77 -20.37
N VAL A 58 -7.24 -1.38 -19.59
CA VAL A 58 -6.82 0.03 -19.49
C VAL A 58 -6.47 0.65 -20.85
N TYR A 59 -5.72 -0.08 -21.67
CA TYR A 59 -5.31 0.40 -22.99
C TYR A 59 -6.49 0.53 -23.94
N LEU A 60 -7.35 -0.49 -23.95
CA LEU A 60 -8.50 -0.53 -24.86
C LEU A 60 -9.62 0.45 -24.48
N ALA A 61 -9.87 0.60 -23.18
CA ALA A 61 -10.84 1.57 -22.69
C ALA A 61 -10.31 2.99 -22.85
N GLY A 62 -8.99 3.14 -22.70
CA GLY A 62 -8.33 4.44 -22.86
C GLY A 62 -8.35 4.94 -24.29
N ASP A 63 -8.28 4.02 -25.24
CA ASP A 63 -8.41 4.31 -26.67
C ASP A 63 -9.79 4.81 -27.03
N LEU A 64 -10.80 4.19 -26.43
CA LEU A 64 -12.21 4.51 -26.70
C LEU A 64 -12.55 5.97 -26.40
N ILE A 65 -11.96 6.53 -25.34
CA ILE A 65 -12.12 7.95 -25.04
C ILE A 65 -10.85 8.76 -25.36
N ASP A 66 -9.99 8.18 -26.20
CA ASP A 66 -8.82 8.85 -26.79
C ASP A 66 -7.87 9.57 -25.81
N VAL A 67 -7.59 8.94 -24.67
CA VAL A 67 -6.64 9.51 -23.73
C VAL A 67 -5.20 9.13 -24.11
N ASP A 68 -4.25 9.98 -23.73
CA ASP A 68 -2.83 9.83 -24.08
C ASP A 68 -2.28 8.46 -23.67
N GLN A 69 -1.56 7.82 -24.59
CA GLN A 69 -1.03 6.49 -24.34
C GLN A 69 0.09 6.44 -23.31
N GLY A 70 0.76 7.58 -23.11
CA GLY A 70 1.73 7.75 -22.02
C GLY A 70 1.09 7.64 -20.66
N VAL A 71 -0.05 8.31 -20.49
CA VAL A 71 -0.91 8.22 -19.29
C VAL A 71 -1.38 6.78 -19.06
N LEU A 72 -1.80 6.12 -20.14
CA LEU A 72 -2.26 4.73 -20.11
C LEU A 72 -1.21 3.74 -19.62
N ASP A 73 0.04 3.94 -20.04
CA ASP A 73 1.18 3.13 -19.56
C ASP A 73 1.28 3.14 -18.04
N ILE A 74 1.17 4.33 -17.47
CA ILE A 74 1.30 4.57 -16.05
C ILE A 74 0.15 3.92 -15.26
N ILE A 75 -1.08 4.15 -15.73
CA ILE A 75 -2.28 3.62 -15.07
C ILE A 75 -2.27 2.09 -15.06
N ALA A 76 -1.95 1.51 -16.21
CA ALA A 76 -1.83 0.05 -16.37
C ALA A 76 -0.70 -0.59 -15.55
N ALA A 77 0.37 0.16 -15.33
CA ALA A 77 1.49 -0.33 -14.53
C ALA A 77 1.08 -0.41 -13.07
N ALA A 78 0.47 0.68 -12.59
CA ALA A 78 -0.06 0.76 -11.23
C ALA A 78 -1.10 -0.32 -10.94
N LEU A 79 -1.97 -0.58 -11.90
CA LEU A 79 -2.94 -1.66 -11.78
C LEU A 79 -2.33 -3.05 -11.70
N GLU A 80 -1.35 -3.32 -12.56
CA GLU A 80 -0.68 -4.62 -12.53
C GLU A 80 0.13 -4.81 -11.26
N LEU A 81 0.80 -3.74 -10.82
CA LEU A 81 1.54 -3.77 -9.56
C LEU A 81 0.62 -4.10 -8.36
N THR A 82 -0.55 -3.45 -8.32
CA THR A 82 -1.56 -3.74 -7.28
C THR A 82 -2.07 -5.18 -7.39
N HIS A 83 -2.49 -5.58 -8.59
CA HIS A 83 -2.94 -6.96 -8.82
C HIS A 83 -1.88 -7.99 -8.42
N CYS A 84 -0.63 -7.73 -8.83
CA CYS A 84 0.47 -8.66 -8.57
C CYS A 84 0.78 -8.79 -7.09
N TYR A 85 0.87 -7.68 -6.37
CA TYR A 85 1.02 -7.72 -4.90
C TYR A 85 -0.03 -8.62 -4.24
N SER A 86 -1.29 -8.46 -4.62
CA SER A 86 -2.34 -9.26 -4.01
C SER A 86 -2.19 -10.74 -4.31
N LEU A 87 -1.77 -11.09 -5.53
CA LEU A 87 -1.56 -12.50 -5.89
C LEU A 87 -0.43 -13.15 -5.06
N ILE A 88 0.67 -12.41 -4.89
CA ILE A 88 1.81 -12.83 -4.08
C ILE A 88 1.37 -13.12 -2.65
N HIS A 89 0.58 -12.20 -2.08
CA HIS A 89 0.09 -12.36 -0.72
C HIS A 89 -0.93 -13.48 -0.58
N ASP A 90 -1.83 -13.60 -1.56
CA ASP A 90 -2.86 -14.65 -1.55
C ASP A 90 -2.24 -16.04 -1.70
N ASP A 91 -1.15 -16.13 -2.47
CA ASP A 91 -0.41 -17.39 -2.67
C ASP A 91 0.22 -18.01 -1.40
N LEU A 92 0.50 -17.17 -0.39
CA LEU A 92 1.12 -17.56 0.88
C LEU A 92 0.36 -18.66 1.64
N PRO A 93 1.09 -19.50 2.43
CA PRO A 93 0.47 -20.63 3.15
C PRO A 93 -0.64 -20.27 4.13
N ALA A 94 -0.60 -19.05 4.67
CA ALA A 94 -1.65 -18.52 5.54
C ALA A 94 -2.98 -18.30 4.81
N MET A 95 -2.93 -18.17 3.49
CA MET A 95 -4.11 -17.89 2.69
C MET A 95 -4.45 -19.00 1.70
N ASP A 96 -4.23 -18.77 0.40
CA ASP A 96 -4.60 -19.79 -0.60
C ASP A 96 -3.62 -20.97 -0.65
N ASN A 97 -2.41 -20.79 -0.11
CA ASN A 97 -1.37 -21.85 -0.01
C ASN A 97 -1.02 -22.47 -1.39
N ASP A 98 -0.62 -21.61 -2.32
CA ASP A 98 -0.25 -22.06 -3.66
C ASP A 98 1.26 -22.23 -3.83
N ASP A 99 1.68 -23.46 -4.05
CA ASP A 99 3.09 -23.78 -4.34
C ASP A 99 3.47 -23.27 -5.72
N LEU A 100 2.48 -23.27 -6.61
CA LEU A 100 2.64 -22.83 -7.98
C LEU A 100 1.75 -21.65 -8.30
N ARG A 101 2.34 -20.58 -8.82
CA ARG A 101 1.60 -19.53 -9.49
C ARG A 101 1.74 -19.81 -10.98
N ARG A 102 0.60 -20.01 -11.63
CA ARG A 102 0.53 -20.53 -13.00
C ARG A 102 1.28 -21.87 -13.07
N GLY A 103 2.35 -21.94 -13.87
CA GLY A 103 3.10 -23.18 -13.99
C GLY A 103 4.36 -23.24 -13.15
N LYS A 104 4.82 -22.06 -12.73
CA LYS A 104 6.12 -21.91 -12.06
C LYS A 104 5.94 -21.78 -10.54
N PRO A 105 7.00 -22.10 -9.75
CA PRO A 105 6.97 -21.85 -8.32
C PRO A 105 6.58 -20.42 -7.96
N SER A 106 5.75 -20.29 -6.93
CA SER A 106 5.30 -19.00 -6.42
C SER A 106 6.44 -18.28 -5.72
N CYS A 107 6.24 -17.00 -5.46
CA CYS A 107 7.28 -16.13 -4.93
C CYS A 107 7.90 -16.61 -3.61
N HIS A 108 7.10 -17.15 -2.72
CA HIS A 108 7.63 -17.64 -1.43
C HIS A 108 8.35 -18.98 -1.60
N LYS A 109 8.02 -19.73 -2.64
CA LYS A 109 8.70 -20.99 -2.93
C LYS A 109 10.04 -20.76 -3.63
N ALA A 110 10.09 -19.79 -4.54
CA ALA A 110 11.31 -19.41 -5.23
C ALA A 110 12.27 -18.65 -4.33
N PHE A 111 11.71 -17.91 -3.37
CA PHE A 111 12.52 -17.17 -2.41
C PHE A 111 12.18 -17.68 -1.02
N ASP A 112 11.58 -16.83 -0.20
CA ASP A 112 11.04 -17.25 1.09
C ASP A 112 9.79 -16.43 1.39
N GLU A 113 9.07 -16.80 2.44
CA GLU A 113 7.83 -16.13 2.78
C GLU A 113 8.02 -14.66 3.14
N ALA A 114 9.07 -14.34 3.92
CA ALA A 114 9.40 -12.95 4.25
C ALA A 114 9.59 -12.06 3.00
N THR A 115 10.26 -12.59 1.99
CA THR A 115 10.54 -11.85 0.75
C THR A 115 9.25 -11.64 -0.04
N ALA A 116 8.40 -12.67 -0.08
CA ALA A 116 7.06 -12.58 -0.67
C ALA A 116 6.18 -11.51 0.01
N ILE A 117 6.17 -11.51 1.35
CA ILE A 117 5.38 -10.53 2.10
C ILE A 117 5.88 -9.13 1.76
N LEU A 118 7.19 -8.93 1.89
CA LEU A 118 7.81 -7.63 1.71
C LEU A 118 7.70 -7.07 0.28
N VAL A 119 7.87 -7.94 -0.71
CA VAL A 119 7.80 -7.53 -2.10
C VAL A 119 6.37 -7.12 -2.44
N GLY A 120 5.40 -7.92 -1.97
CA GLY A 120 3.98 -7.55 -2.01
C GLY A 120 3.76 -6.18 -1.39
N ASP A 121 4.23 -5.98 -0.16
CA ASP A 121 4.14 -4.70 0.52
C ASP A 121 4.72 -3.54 -0.29
N GLY A 122 5.91 -3.75 -0.88
CA GLY A 122 6.56 -2.75 -1.70
C GLY A 122 5.87 -2.46 -3.03
N MET A 123 5.32 -3.51 -3.65
CA MET A 123 4.55 -3.34 -4.89
C MET A 123 3.33 -2.44 -4.67
N GLN A 124 2.60 -2.67 -3.58
CA GLN A 124 1.45 -1.84 -3.24
C GLN A 124 1.84 -0.36 -3.17
N ALA A 125 2.89 -0.08 -2.40
CA ALA A 125 3.45 1.27 -2.34
C ALA A 125 3.94 1.79 -3.70
N LEU A 126 4.54 0.92 -4.51
CA LEU A 126 5.10 1.34 -5.80
C LEU A 126 4.03 1.83 -6.77
N ALA A 127 2.94 1.06 -6.87
CA ALA A 127 1.77 1.42 -7.67
C ALA A 127 1.33 2.85 -7.44
N ILE A 128 1.32 3.25 -6.16
CA ILE A 128 0.96 4.61 -5.76
C ILE A 128 2.07 5.63 -6.07
N GLU A 129 3.34 5.26 -5.84
CA GLU A 129 4.50 6.10 -6.22
C GLU A 129 4.50 6.42 -7.71
N VAL A 130 4.36 5.39 -8.54
CA VAL A 130 4.28 5.49 -9.99
C VAL A 130 3.16 6.44 -10.45
N LEU A 131 1.97 6.31 -9.83
CA LEU A 131 0.85 7.20 -10.15
C LEU A 131 1.20 8.64 -9.84
N LEU A 132 1.68 8.89 -8.62
CA LEU A 132 1.98 10.26 -8.19
C LEU A 132 3.12 10.97 -8.92
N MET A 133 4.27 10.31 -9.13
CA MET A 133 5.42 10.99 -9.76
CA MET A 133 5.40 10.99 -9.77
C MET A 133 5.31 11.08 -11.30
N ARG A 134 4.77 10.04 -11.94
CA ARG A 134 4.71 9.97 -13.40
C ARG A 134 3.51 10.69 -14.05
N LEU A 135 2.38 10.76 -13.35
CA LEU A 135 1.20 11.47 -13.87
C LEU A 135 1.26 12.98 -13.71
N SER A 136 2.00 13.44 -12.69
CA SER A 136 2.09 14.85 -12.34
C SER A 136 2.64 15.84 -13.38
N PRO A 137 3.60 15.39 -14.24
CA PRO A 137 3.89 16.35 -15.32
C PRO A 137 2.86 16.32 -16.46
N LEU A 138 2.05 15.26 -16.52
CA LEU A 138 1.14 15.04 -17.65
C LEU A 138 -0.30 15.49 -17.44
N LEU A 139 -0.79 15.40 -16.20
CA LEU A 139 -2.19 15.69 -15.88
C LEU A 139 -2.28 16.74 -14.77
N PRO A 140 -3.41 17.48 -14.70
CA PRO A 140 -3.61 18.36 -13.54
C PRO A 140 -3.61 17.56 -12.23
N ALA A 141 -3.12 18.19 -11.16
CA ALA A 141 -2.94 17.55 -9.88
C ALA A 141 -4.23 16.97 -9.30
N ALA A 142 -5.35 17.64 -9.58
CA ALA A 142 -6.67 17.20 -9.14
C ALA A 142 -7.03 15.83 -9.69
N GLN A 143 -6.72 15.60 -10.96
CA GLN A 143 -6.97 14.32 -11.62
C GLN A 143 -6.07 13.22 -11.08
N VAL A 144 -4.80 13.56 -10.82
CA VAL A 144 -3.83 12.65 -10.23
C VAL A 144 -4.35 12.07 -8.89
N VAL A 145 -4.85 12.96 -8.04
CA VAL A 145 -5.48 12.61 -6.78
C VAL A 145 -6.70 11.68 -6.96
N ALA A 146 -7.61 12.04 -7.86
CA ALA A 146 -8.82 11.26 -8.10
C ALA A 146 -8.56 9.89 -8.71
N ILE A 147 -7.54 9.81 -9.58
CA ILE A 147 -7.09 8.54 -10.19
C ILE A 147 -6.55 7.59 -9.12
N THR A 148 -5.77 8.13 -8.19
CA THR A 148 -5.13 7.34 -7.14
C THR A 148 -6.18 6.91 -6.09
N GLN A 149 -7.18 7.78 -5.88
CA GLN A 149 -8.35 7.49 -5.03
C GLN A 149 -9.07 6.23 -5.49
N VAL A 150 -9.35 6.14 -6.80
CA VAL A 150 -10.01 4.97 -7.37
C VAL A 150 -9.33 3.63 -7.04
N LEU A 151 -8.00 3.58 -7.21
CA LEU A 151 -7.22 2.35 -6.98
C LEU A 151 -7.18 1.96 -5.52
N VAL A 152 -6.94 2.96 -4.67
CA VAL A 152 -6.81 2.78 -3.25
C VAL A 152 -8.16 2.48 -2.53
N ASN A 153 -9.26 2.99 -3.06
CA ASN A 153 -10.61 2.62 -2.58
C ASN A 153 -10.94 1.18 -2.97
N ALA A 154 -10.55 0.77 -4.18
CA ALA A 154 -10.89 -0.56 -4.68
C ALA A 154 -10.00 -1.64 -4.05
N SER A 155 -8.79 -1.26 -3.66
CA SER A 155 -7.78 -2.22 -3.19
C SER A 155 -7.80 -2.40 -1.68
N GLY A 156 -8.36 -1.41 -0.99
CA GLY A 156 -8.29 -1.38 0.45
C GLY A 156 -9.35 -2.18 1.18
N ILE A 157 -9.63 -1.76 2.42
CA ILE A 157 -10.52 -2.49 3.32
C ILE A 157 -12.01 -2.40 2.96
N SER A 158 -12.37 -1.38 2.18
CA SER A 158 -13.73 -1.24 1.67
C SER A 158 -13.94 -2.09 0.42
N GLY A 159 -12.87 -2.72 -0.06
CA GLY A 159 -12.90 -3.47 -1.31
C GLY A 159 -12.16 -4.80 -1.24
N MET A 160 -11.00 -4.84 -1.91
CA MET A 160 -10.20 -6.07 -2.11
C MET A 160 -9.85 -6.82 -0.83
N VAL A 161 -9.39 -6.09 0.18
CA VAL A 161 -8.94 -6.67 1.44
C VAL A 161 -10.08 -7.38 2.22
N SER A 162 -11.26 -6.74 2.27
CA SER A 162 -12.44 -7.38 2.85
C SER A 162 -12.91 -8.52 1.97
N GLY A 163 -12.85 -8.30 0.66
CA GLY A 163 -13.17 -9.36 -0.32
C GLY A 163 -12.40 -10.65 -0.12
N GLN A 164 -11.09 -10.55 0.11
CA GLN A 164 -10.25 -11.74 0.29
C GLN A 164 -10.44 -12.37 1.68
N SER A 165 -10.54 -11.53 2.71
CA SER A 165 -10.85 -11.97 4.07
C SER A 165 -12.15 -12.78 4.14
N LEU A 166 -13.19 -12.27 3.48
CA LEU A 166 -14.50 -12.96 3.45
C LEU A 166 -14.47 -14.18 2.53
N ASP A 167 -13.64 -14.12 1.49
CA ASP A 167 -13.44 -15.27 0.61
C ASP A 167 -12.83 -16.46 1.39
N LEU A 168 -11.92 -16.16 2.30
CA LEU A 168 -11.28 -17.19 3.10
C LEU A 168 -12.17 -17.69 4.24
N SER A 169 -12.79 -16.78 4.98
CA SER A 169 -13.57 -17.16 6.16
C SER A 169 -14.96 -17.74 5.85
N GLU A 170 -15.69 -17.14 4.89
CA GLU A 170 -17.08 -17.55 4.64
C GLU A 170 -17.27 -18.69 3.65
N LEU A 171 -16.44 -18.74 2.61
CA LEU A 171 -16.60 -19.73 1.53
C LEU A 171 -16.31 -21.18 1.97
N ALA A 172 -15.64 -21.31 3.12
CA ALA A 172 -15.43 -22.60 3.78
C ALA A 172 -16.75 -23.27 4.13
N LYS A 173 -17.70 -22.48 4.63
CA LYS A 173 -19.06 -22.92 4.93
C LYS A 173 -19.83 -23.08 3.62
N SER A 174 -20.82 -23.98 3.61
CA SER A 174 -21.65 -24.21 2.43
C SER A 174 -23.04 -23.57 2.57
N SER A 175 -23.14 -22.63 3.52
CA SER A 175 -24.39 -21.95 3.83
C SER A 175 -24.51 -20.62 3.08
N VAL A 176 -23.54 -20.36 2.20
CA VAL A 176 -23.43 -19.09 1.49
C VAL A 176 -24.45 -19.01 0.35
N THR A 177 -25.24 -17.94 0.37
CA THR A 177 -26.23 -17.66 -0.67
C THR A 177 -25.56 -17.16 -1.95
N GLU A 178 -26.35 -17.08 -3.02
CA GLU A 178 -25.91 -16.49 -4.26
C GLU A 178 -25.58 -15.01 -4.07
N GLU A 179 -26.36 -14.35 -3.22
CA GLU A 179 -26.19 -12.93 -2.89
C GLU A 179 -24.81 -12.65 -2.27
N GLN A 180 -24.46 -13.41 -1.24
CA GLN A 180 -23.20 -13.25 -0.52
C GLN A 180 -21.99 -13.55 -1.42
N LEU A 181 -22.11 -14.63 -2.20
CA LEU A 181 -21.11 -15.04 -3.18
C LEU A 181 -20.84 -13.94 -4.21
N ARG A 182 -21.90 -13.28 -4.67
CA ARG A 182 -21.78 -12.19 -5.63
C ARG A 182 -21.11 -10.96 -5.00
N GLU A 183 -21.37 -10.73 -3.73
CA GLU A 183 -20.79 -9.60 -3.00
C GLU A 183 -19.29 -9.80 -2.72
N ILE A 184 -18.93 -10.99 -2.25
CA ILE A 184 -17.55 -11.37 -1.98
C ILE A 184 -16.63 -11.19 -3.21
N HIS A 185 -17.08 -11.69 -4.36
CA HIS A 185 -16.33 -11.57 -5.62
C HIS A 185 -16.25 -10.15 -6.16
N LEU A 186 -17.28 -9.36 -5.91
CA LEU A 186 -17.29 -7.94 -6.28
C LEU A 186 -16.26 -7.18 -5.45
N LEU A 187 -16.16 -7.52 -4.17
CA LEU A 187 -15.20 -6.85 -3.31
C LEU A 187 -13.76 -7.29 -3.63
N LYS A 188 -13.59 -8.59 -3.87
CA LYS A 188 -12.26 -9.17 -4.10
C LYS A 188 -11.66 -8.80 -5.46
N THR A 189 -12.41 -9.04 -6.54
CA THR A 189 -11.92 -8.77 -7.89
C THR A 189 -12.72 -7.74 -8.68
N GLY A 190 -14.02 -7.66 -8.40
CA GLY A 190 -14.93 -6.81 -9.16
C GLY A 190 -14.53 -5.35 -9.21
N LYS A 191 -14.21 -4.82 -8.02
CA LYS A 191 -13.82 -3.41 -7.86
C LYS A 191 -12.49 -3.04 -8.53
N LEU A 192 -11.55 -3.98 -8.55
CA LEU A 192 -10.25 -3.74 -9.17
C LEU A 192 -10.37 -3.74 -10.70
N ILE A 193 -11.09 -4.71 -11.25
CA ILE A 193 -11.44 -4.73 -12.67
C ILE A 193 -12.21 -3.48 -13.10
N LEU A 194 -13.14 -3.04 -12.25
CA LEU A 194 -13.89 -1.80 -12.47
C LEU A 194 -12.98 -0.58 -12.45
N ALA A 195 -11.97 -0.59 -11.58
CA ALA A 195 -10.96 0.47 -11.49
C ALA A 195 -10.20 0.75 -12.81
N CYS A 196 -10.07 -0.26 -13.67
CA CYS A 196 -9.45 -0.09 -15.00
C CYS A 196 -10.18 0.96 -15.81
N PHE A 197 -11.50 0.87 -15.79
CA PHE A 197 -12.36 1.78 -16.51
C PHE A 197 -12.50 3.10 -15.77
N GLU A 198 -12.59 3.03 -14.44
CA GLU A 198 -12.77 4.23 -13.62
C GLU A 198 -11.54 5.15 -13.55
N MET A 199 -10.34 4.57 -13.49
CA MET A 199 -9.10 5.36 -13.52
C MET A 199 -8.91 6.03 -14.89
N VAL A 200 -9.30 5.32 -15.95
CA VAL A 200 -9.30 5.84 -17.32
C VAL A 200 -10.28 7.02 -17.45
N LEU A 201 -11.46 6.90 -16.83
CA LEU A 201 -12.48 7.95 -16.84
C LEU A 201 -12.07 9.21 -16.07
N ALA A 202 -11.28 9.05 -15.02
CA ALA A 202 -10.82 10.17 -14.22
C ALA A 202 -9.70 10.99 -14.88
N ALA A 203 -9.27 10.56 -16.07
CA ALA A 203 -8.30 11.30 -16.88
C ALA A 203 -8.92 12.48 -17.64
N GLN A 204 -10.25 12.45 -17.83
CA GLN A 204 -10.95 13.51 -18.57
C GLN A 204 -11.81 14.39 -17.66
N HIS A 205 -11.97 15.65 -18.06
CA HIS A 205 -12.69 16.64 -17.27
C HIS A 205 -14.21 16.53 -17.45
N GLU A 206 -14.66 16.47 -18.71
CA GLU A 206 -16.09 16.47 -19.03
C GLU A 206 -16.48 15.25 -19.86
N VAL A 207 -16.36 14.06 -19.27
CA VAL A 207 -16.83 12.85 -19.95
C VAL A 207 -18.35 12.78 -19.83
N SER A 208 -19.02 12.33 -20.89
CA SER A 208 -20.46 12.23 -20.90
C SER A 208 -20.96 11.03 -20.10
N GLU A 209 -22.10 11.20 -19.44
CA GLU A 209 -22.68 10.19 -18.54
C GLU A 209 -23.12 8.90 -19.25
N GLN A 210 -23.35 9.00 -20.55
CA GLN A 210 -23.76 7.85 -21.37
C GLN A 210 -22.55 7.00 -21.70
N ILE A 211 -21.39 7.64 -21.76
CA ILE A 211 -20.11 6.95 -21.95
C ILE A 211 -19.69 6.26 -20.65
N LYS A 212 -19.68 7.02 -19.55
CA LYS A 212 -19.39 6.52 -18.20
C LYS A 212 -20.15 5.24 -17.87
N SER A 213 -21.48 5.32 -18.01
CA SER A 213 -22.37 4.19 -17.74
C SER A 213 -22.14 2.98 -18.65
N ALA A 214 -21.68 3.22 -19.87
CA ALA A 214 -21.41 2.15 -20.83
C ALA A 214 -20.14 1.36 -20.47
N LEU A 215 -19.14 2.06 -19.94
CA LEU A 215 -17.91 1.41 -19.51
C LEU A 215 -18.17 0.63 -18.22
N ARG A 216 -18.78 1.31 -17.26
CA ARG A 216 -19.20 0.74 -15.97
C ARG A 216 -20.00 -0.57 -16.07
N THR A 217 -20.90 -0.63 -17.05
CA THR A 217 -21.67 -1.85 -17.32
C THR A 217 -20.77 -2.97 -17.87
N TYR A 218 -19.94 -2.65 -18.87
CA TYR A 218 -18.97 -3.61 -19.38
C TYR A 218 -18.09 -4.15 -18.25
N GLY A 219 -17.53 -3.24 -17.45
CA GLY A 219 -16.72 -3.56 -16.28
C GLY A 219 -17.32 -4.47 -15.22
N LYS A 220 -18.57 -4.21 -14.83
CA LYS A 220 -19.26 -5.02 -13.82
C LYS A 220 -19.49 -6.42 -14.33
N HIS A 221 -19.96 -6.53 -15.55
CA HIS A 221 -20.31 -7.84 -16.09
C HIS A 221 -19.10 -8.66 -16.49
N ILE A 222 -18.01 -7.99 -16.87
CA ILE A 222 -16.78 -8.68 -17.24
C ILE A 222 -16.04 -9.25 -16.00
N GLY A 223 -16.02 -8.47 -14.92
CA GLY A 223 -15.43 -8.90 -13.64
C GLY A 223 -16.18 -10.03 -12.96
N LEU A 224 -17.50 -10.04 -13.16
CA LEU A 224 -18.36 -11.09 -12.66
C LEU A 224 -18.18 -12.37 -13.46
N VAL A 225 -18.26 -12.26 -14.78
CA VAL A 225 -18.23 -13.43 -15.66
C VAL A 225 -16.88 -14.19 -15.68
N PHE A 226 -15.77 -13.49 -15.42
CA PHE A 226 -14.45 -14.14 -15.30
C PHE A 226 -14.45 -15.17 -14.17
N GLN A 227 -15.05 -14.77 -13.05
CA GLN A 227 -15.19 -15.61 -11.87
C GLN A 227 -16.17 -16.76 -12.07
N MET A 228 -17.22 -16.51 -12.84
CA MET A 228 -18.14 -17.57 -13.29
C MET A 228 -17.38 -18.59 -14.13
N GLN A 229 -16.59 -18.09 -15.09
CA GLN A 229 -15.75 -18.94 -15.94
C GLN A 229 -14.74 -19.76 -15.15
N ASP A 230 -14.07 -19.14 -14.18
CA ASP A 230 -13.09 -19.81 -13.33
C ASP A 230 -13.69 -20.95 -12.54
N ASP A 231 -14.88 -20.74 -11.97
CA ASP A 231 -15.61 -21.79 -11.26
C ASP A 231 -16.11 -22.88 -12.20
N TYR A 232 -16.50 -22.49 -13.41
CA TYR A 232 -16.95 -23.40 -14.46
C TYR A 232 -15.81 -24.29 -14.96
N LEU A 233 -14.63 -23.68 -15.11
CA LEU A 233 -13.45 -24.38 -15.62
C LEU A 233 -12.96 -25.48 -14.67
N ASP A 234 -12.43 -25.08 -13.51
CA ASP A 234 -11.83 -26.06 -12.58
C ASP A 234 -12.78 -27.02 -11.86
N LEU A 235 -14.04 -27.09 -12.30
CA LEU A 235 -14.91 -28.19 -11.93
C LEU A 235 -15.13 -29.13 -13.11
N TYR A 236 -15.44 -28.56 -14.28
CA TYR A 236 -15.88 -29.37 -15.42
C TYR A 236 -14.77 -29.89 -16.36
N ALA A 237 -14.09 -28.99 -17.07
CA ALA A 237 -13.16 -29.41 -18.13
C ALA A 237 -11.86 -30.12 -17.65
N PRO A 238 -11.06 -29.48 -16.75
CA PRO A 238 -10.06 -30.33 -16.09
C PRO A 238 -10.51 -30.74 -14.69
N LYS A 254 -17.63 -26.32 0.74
CA LYS A 254 -17.28 -25.28 -0.21
C LYS A 254 -18.47 -24.76 -1.01
N THR A 255 -18.32 -23.57 -1.59
CA THR A 255 -19.36 -22.97 -2.45
C THR A 255 -18.77 -22.12 -3.57
N THR A 256 -19.18 -22.43 -4.80
CA THR A 256 -18.79 -21.69 -5.99
C THR A 256 -20.03 -21.41 -6.83
N PHE A 257 -19.86 -20.66 -7.93
CA PHE A 257 -20.91 -20.51 -8.94
C PHE A 257 -21.27 -21.88 -9.54
N ALA A 258 -20.32 -22.80 -9.51
CA ALA A 258 -20.49 -24.15 -10.05
C ALA A 258 -21.14 -25.12 -9.05
N THR A 259 -21.40 -24.66 -7.83
CA THR A 259 -22.14 -25.46 -6.87
C THR A 259 -23.55 -24.90 -6.71
N LEU A 260 -23.71 -23.62 -7.04
CA LEU A 260 -24.99 -22.93 -6.93
C LEU A 260 -25.77 -22.94 -8.24
N PHE A 261 -25.06 -22.88 -9.35
CA PHE A 261 -25.67 -23.11 -10.67
C PHE A 261 -25.21 -24.47 -11.18
N ASN A 262 -26.08 -25.14 -11.92
CA ASN A 262 -25.68 -26.39 -12.56
C ASN A 262 -24.98 -26.11 -13.89
N LYS A 263 -24.41 -27.15 -14.51
CA LYS A 263 -23.69 -27.05 -15.77
C LYS A 263 -24.37 -26.14 -16.81
N GLN A 264 -25.63 -26.44 -17.13
CA GLN A 264 -26.38 -25.73 -18.17
C GLN A 264 -26.74 -24.31 -17.74
N GLN A 265 -27.08 -24.17 -16.46
CA GLN A 265 -27.41 -22.87 -15.87
C GLN A 265 -26.20 -21.94 -15.87
N LEU A 266 -25.05 -22.49 -15.48
CA LEU A 266 -23.81 -21.73 -15.44
C LEU A 266 -23.42 -21.29 -16.84
N GLU A 267 -23.47 -22.23 -17.79
CA GLU A 267 -23.21 -21.98 -19.21
C GLU A 267 -24.02 -20.81 -19.77
N GLU A 268 -25.30 -20.76 -19.41
CA GLU A 268 -26.15 -19.66 -19.84
C GLU A 268 -25.84 -18.36 -19.10
N GLU A 269 -25.55 -18.47 -17.81
CA GLU A 269 -25.10 -17.31 -17.01
C GLU A 269 -23.85 -16.67 -17.63
N ILE A 270 -22.88 -17.51 -18.01
CA ILE A 270 -21.71 -17.07 -18.80
C ILE A 270 -22.15 -16.32 -20.05
N ALA A 271 -23.03 -16.96 -20.83
CA ALA A 271 -23.47 -16.42 -22.12
C ALA A 271 -24.22 -15.10 -21.99
N VAL A 272 -25.18 -15.05 -21.06
CA VAL A 272 -26.01 -13.85 -20.86
C VAL A 272 -25.15 -12.66 -20.44
N HIS A 273 -24.24 -12.89 -19.49
CA HIS A 273 -23.40 -11.81 -18.96
C HIS A 273 -22.39 -11.26 -19.97
N TYR A 274 -21.83 -12.14 -20.81
CA TYR A 274 -20.98 -11.73 -21.93
C TYR A 274 -21.76 -10.97 -22.99
N GLN A 275 -22.99 -11.41 -23.26
CA GLN A 275 -23.89 -10.77 -24.22
C GLN A 275 -24.20 -9.34 -23.79
N ILE A 276 -24.49 -9.15 -22.50
CA ILE A 276 -24.74 -7.83 -21.92
C ILE A 276 -23.47 -6.97 -22.04
N ALA A 277 -22.32 -7.59 -21.81
CA ALA A 277 -21.02 -6.91 -21.95
C ALA A 277 -20.75 -6.45 -23.39
N MET A 278 -21.00 -7.35 -24.36
CA MET A 278 -20.89 -7.03 -25.80
C MET A 278 -21.75 -5.83 -26.20
N ASP A 279 -23.02 -5.86 -25.81
CA ASP A 279 -24.02 -4.87 -26.18
C ASP A 279 -23.79 -3.48 -25.57
N SER A 280 -22.96 -3.44 -24.53
CA SER A 280 -22.68 -2.20 -23.80
C SER A 280 -21.77 -1.24 -24.56
N LEU A 281 -21.08 -1.77 -25.58
CA LEU A 281 -20.05 -1.01 -26.31
C LEU A 281 -20.54 -0.52 -27.68
N ARG A 282 -21.81 -0.77 -27.97
CA ARG A 282 -22.41 -0.44 -29.27
C ARG A 282 -22.59 1.06 -29.49
N LEU A 283 -22.46 1.84 -28.42
CA LEU A 283 -22.39 3.29 -28.49
C LEU A 283 -21.11 3.73 -29.23
N PHE A 284 -20.03 2.98 -29.04
CA PHE A 284 -18.75 3.27 -29.67
C PHE A 284 -18.70 2.72 -31.10
N GLY A 285 -19.38 1.60 -31.32
CA GLY A 285 -19.54 1.02 -32.66
C GLY A 285 -18.32 0.28 -33.16
N SER A 286 -17.79 0.74 -34.31
CA SER A 286 -16.62 0.14 -34.96
C SER A 286 -15.31 0.48 -34.26
N LYS A 287 -15.32 1.59 -33.50
CA LYS A 287 -14.18 2.01 -32.69
C LYS A 287 -13.87 1.00 -31.56
N ALA A 288 -14.89 0.25 -31.13
CA ALA A 288 -14.75 -0.72 -30.06
C ALA A 288 -14.42 -2.14 -30.53
N ALA A 289 -14.19 -2.30 -31.84
CA ALA A 289 -14.00 -3.64 -32.45
C ALA A 289 -12.78 -4.39 -31.90
N ALA A 290 -11.81 -3.65 -31.39
CA ALA A 290 -10.65 -4.21 -30.72
C ALA A 290 -11.06 -4.90 -29.41
N LEU A 291 -11.84 -4.18 -28.61
CA LEU A 291 -12.31 -4.67 -27.32
C LEU A 291 -13.32 -5.80 -27.45
N ILE A 292 -14.16 -5.73 -28.48
CA ILE A 292 -15.18 -6.74 -28.75
C ILE A 292 -14.54 -8.09 -29.12
N GLU A 293 -13.47 -8.04 -29.91
CA GLU A 293 -12.71 -9.23 -30.29
C GLU A 293 -12.01 -9.84 -29.08
N LEU A 294 -11.48 -9.00 -28.21
CA LEU A 294 -10.89 -9.46 -26.95
C LEU A 294 -11.93 -10.13 -26.05
N THR A 295 -13.10 -9.51 -25.96
CA THR A 295 -14.24 -10.02 -25.19
C THR A 295 -14.66 -11.40 -25.71
N LYS A 296 -14.71 -11.52 -27.04
CA LYS A 296 -15.04 -12.79 -27.68
C LYS A 296 -13.95 -13.84 -27.49
N GLN A 297 -12.70 -13.40 -27.37
CA GLN A 297 -11.59 -14.29 -27.01
C GLN A 297 -11.71 -14.77 -25.57
N LEU A 298 -12.08 -13.85 -24.67
CA LEU A 298 -12.28 -14.17 -23.26
C LEU A 298 -13.51 -15.06 -23.03
N GLN A 299 -14.52 -14.91 -23.88
CA GLN A 299 -15.70 -15.77 -23.84
C GLN A 299 -15.39 -17.20 -24.29
N ASN A 300 -14.57 -17.33 -25.32
CA ASN A 300 -14.33 -18.63 -25.98
C ASN A 300 -13.40 -19.62 -25.24
N ARG A 301 -12.77 -19.21 -24.14
CA ARG A 301 -12.04 -20.14 -23.28
C ARG A 301 -12.98 -20.92 -22.34
N SER A 302 -14.27 -20.64 -22.46
CA SER A 302 -15.33 -21.42 -21.84
C SER A 302 -16.06 -22.27 -22.91
N ASN A 303 -16.02 -21.80 -24.16
CA ASN A 303 -16.68 -22.48 -25.28
C ASN A 303 -15.91 -23.67 -25.85
N LEU A 304 -14.59 -23.71 -25.62
CA LEU A 304 -13.70 -24.75 -26.17
C LEU A 304 -13.96 -26.15 -25.59
N SER A 305 -14.72 -26.21 -24.50
CA SER A 305 -15.21 -27.47 -23.97
C SER A 305 -16.31 -28.08 -24.85
N GLU A 306 -17.01 -27.20 -25.57
CA GLU A 306 -18.07 -27.61 -26.50
C GLU A 306 -17.61 -27.51 -27.95
N ASN B 4 7.35 22.89 36.76
CA ASN B 4 6.28 23.92 36.58
C ASN B 4 5.96 24.18 35.12
N SER B 5 6.98 24.52 34.33
CA SER B 5 6.85 24.64 32.89
C SER B 5 7.14 23.30 32.22
N THR B 6 7.73 22.39 33.00
CA THR B 6 7.85 20.97 32.65
C THR B 6 6.47 20.33 32.66
N GLN B 7 5.68 20.71 33.67
CA GLN B 7 4.31 20.28 33.86
C GLN B 7 3.38 20.72 32.72
N MET B 8 3.56 21.97 32.25
CA MET B 8 2.77 22.52 31.14
CA MET B 8 2.75 22.50 31.15
C MET B 8 3.12 21.88 29.81
N ASN B 9 4.41 21.57 29.64
CA ASN B 9 4.92 20.99 28.40
C ASN B 9 4.52 19.52 28.17
N LYS B 10 4.61 18.71 29.24
CA LYS B 10 4.13 17.32 29.22
C LYS B 10 2.64 17.20 28.88
N GLN B 11 1.85 18.16 29.36
CA GLN B 11 0.42 18.22 29.10
C GLN B 11 0.08 18.55 27.64
N VAL B 12 0.93 19.34 26.99
CA VAL B 12 0.77 19.63 25.56
C VAL B 12 0.92 18.33 24.75
N ILE B 13 1.91 17.52 25.15
CA ILE B 13 2.22 16.24 24.52
C ILE B 13 1.09 15.23 24.77
N ASP B 14 0.65 15.15 26.03
CA ASP B 14 -0.46 14.29 26.43
C ASP B 14 -1.77 14.63 25.73
N LYS B 15 -2.05 15.93 25.58
CA LYS B 15 -3.23 16.40 24.84
C LYS B 15 -3.17 16.11 23.34
N TYR B 16 -1.95 16.08 22.79
CA TYR B 16 -1.76 15.66 21.41
C TYR B 16 -2.01 14.15 21.26
N THR B 17 -1.52 13.38 22.23
CA THR B 17 -1.69 11.92 22.25
C THR B 17 -3.16 11.50 22.32
N GLN B 18 -3.89 12.10 23.26
CA GLN B 18 -5.33 11.83 23.42
C GLN B 18 -6.15 12.31 22.24
N ARG B 19 -5.78 13.47 21.68
CA ARG B 19 -6.44 14.00 20.47
C ARG B 19 -6.23 13.04 19.28
N HIS B 20 -4.99 12.56 19.13
CA HIS B 20 -4.63 11.64 18.06
C HIS B 20 -5.43 10.33 18.14
N GLU B 21 -5.43 9.72 19.33
CA GLU B 21 -6.13 8.45 19.55
C GLU B 21 -7.65 8.52 19.37
N LEU B 22 -8.25 9.61 19.84
CA LEU B 22 -9.67 9.87 19.57
C LEU B 22 -9.95 9.98 18.08
N TYR B 23 -9.08 10.69 17.36
CA TYR B 23 -9.23 10.92 15.91
C TYR B 23 -9.17 9.61 15.12
N LEU B 24 -8.34 8.67 15.58
CA LEU B 24 -8.24 7.37 14.92
C LEU B 24 -9.52 6.55 15.07
N GLU B 25 -10.11 6.58 16.27
CA GLU B 25 -11.38 5.90 16.55
C GLU B 25 -12.48 6.39 15.62
N GLN B 26 -12.65 7.70 15.56
CA GLN B 26 -13.63 8.34 14.67
C GLN B 26 -13.38 7.96 13.21
N LEU B 27 -12.12 7.96 12.81
CA LEU B 27 -11.73 7.62 11.45
C LEU B 27 -12.09 6.18 11.09
N LEU B 28 -11.69 5.24 11.95
CA LEU B 28 -12.01 3.82 11.74
C LEU B 28 -13.54 3.59 11.62
N ASN B 29 -14.31 4.21 12.52
CA ASN B 29 -15.78 4.10 12.51
C ASN B 29 -16.45 4.64 11.24
N GLU B 30 -15.81 5.63 10.62
CA GLU B 30 -16.32 6.25 9.41
C GLU B 30 -16.07 5.44 8.12
N ILE B 31 -15.22 4.42 8.19
CA ILE B 31 -14.89 3.62 7.00
C ILE B 31 -15.84 2.44 6.85
N ILE B 32 -16.34 2.22 5.63
CA ILE B 32 -17.12 1.04 5.32
C ILE B 32 -16.20 -0.18 5.24
N ILE B 33 -16.38 -1.13 6.16
CA ILE B 33 -15.58 -2.35 6.17
C ILE B 33 -16.49 -3.58 6.15
N PRO B 34 -16.67 -4.18 4.96
CA PRO B 34 -17.60 -5.30 4.82
C PRO B 34 -17.23 -6.56 5.61
N ALA B 35 -15.95 -6.71 5.93
CA ALA B 35 -15.48 -7.84 6.75
C ALA B 35 -15.25 -7.36 8.18
N PRO B 36 -16.11 -7.80 9.11
CA PRO B 36 -15.98 -7.43 10.53
C PRO B 36 -14.66 -7.87 11.18
N GLN B 37 -14.09 -8.99 10.76
CA GLN B 37 -12.76 -9.40 11.22
C GLN B 37 -11.65 -8.40 10.90
N ILE B 38 -11.72 -7.78 9.72
CA ILE B 38 -10.76 -6.73 9.33
C ILE B 38 -10.88 -5.52 10.26
N ARG B 39 -12.11 -5.06 10.48
CA ARG B 39 -12.41 -3.94 11.39
C ARG B 39 -11.91 -4.20 12.81
N SER B 40 -12.18 -5.41 13.30
CA SER B 40 -11.77 -5.80 14.64
C SER B 40 -10.24 -5.92 14.77
N ALA B 41 -9.62 -6.60 13.81
CA ALA B 41 -8.16 -6.74 13.83
C ALA B 41 -7.40 -5.44 13.59
N LEU B 42 -7.98 -4.54 12.78
CA LEU B 42 -7.40 -3.22 12.58
C LEU B 42 -7.39 -2.47 13.91
N HIS B 43 -8.52 -2.48 14.61
CA HIS B 43 -8.61 -1.81 15.89
C HIS B 43 -7.62 -2.41 16.90
N TYR B 44 -7.61 -3.74 16.98
CA TYR B 44 -6.66 -4.45 17.83
C TYR B 44 -5.20 -4.05 17.57
N ALA B 45 -4.82 -4.06 16.30
CA ALA B 45 -3.48 -3.66 15.86
C ALA B 45 -3.16 -2.20 16.16
N LEU B 46 -4.09 -1.30 15.83
CA LEU B 46 -3.89 0.14 15.97
C LEU B 46 -3.82 0.59 17.43
N PHE B 47 -4.40 -0.21 18.33
CA PHE B 47 -4.44 0.12 19.74
C PHE B 47 -3.79 -0.99 20.56
N SER B 48 -2.49 -1.17 20.34
CA SER B 48 -1.70 -2.15 21.09
C SER B 48 -0.90 -1.51 22.20
N GLY B 49 -1.05 -0.20 22.36
CA GLY B 49 -0.30 0.54 23.38
C GLY B 49 0.95 1.18 22.82
N GLY B 50 0.91 1.52 21.53
CA GLY B 50 1.99 2.26 20.87
C GLY B 50 2.17 3.64 21.46
N LYS B 51 3.40 4.12 21.47
CA LYS B 51 3.73 5.38 22.16
C LYS B 51 3.44 6.59 21.29
N ARG B 52 3.02 6.33 20.05
CA ARG B 52 2.62 7.37 19.07
C ARG B 52 3.65 8.47 18.84
N ILE B 53 4.93 8.09 18.75
CA ILE B 53 6.01 9.07 18.59
C ILE B 53 5.92 9.83 17.25
N ARG B 54 5.54 9.11 16.19
CA ARG B 54 5.40 9.71 14.87
C ARG B 54 4.27 10.75 14.79
N PRO B 55 3.07 10.46 15.35
CA PRO B 55 2.06 11.51 15.52
C PRO B 55 2.53 12.69 16.38
N ILE B 56 3.11 12.40 17.55
CA ILE B 56 3.60 13.46 18.45
C ILE B 56 4.56 14.41 17.72
N LEU B 57 5.50 13.86 16.96
CA LEU B 57 6.45 14.66 16.17
C LEU B 57 5.77 15.50 15.10
N VAL B 58 4.78 14.92 14.42
CA VAL B 58 3.96 15.64 13.43
C VAL B 58 3.28 16.88 14.02
N TYR B 59 2.65 16.70 15.19
CA TYR B 59 1.97 17.81 15.85
C TYR B 59 2.97 18.87 16.32
N LEU B 60 4.04 18.42 16.97
CA LEU B 60 5.05 19.32 17.53
C LEU B 60 5.80 20.14 16.46
N ALA B 61 6.25 19.46 15.41
CA ALA B 61 6.91 20.13 14.29
C ALA B 61 5.93 20.98 13.49
N GLY B 62 4.67 20.54 13.46
CA GLY B 62 3.59 21.27 12.80
C GLY B 62 3.24 22.57 13.51
N ASP B 63 3.28 22.52 14.84
CA ASP B 63 3.12 23.70 15.68
C ASP B 63 4.21 24.75 15.40
N LEU B 64 5.45 24.27 15.21
CA LEU B 64 6.61 25.15 14.96
C LEU B 64 6.46 26.01 13.72
N ILE B 65 5.85 25.45 12.67
CA ILE B 65 5.62 26.20 11.44
C ILE B 65 4.15 26.61 11.24
N ASP B 66 3.37 26.49 12.31
CA ASP B 66 1.98 26.95 12.40
C ASP B 66 1.03 26.42 11.31
N VAL B 67 1.06 25.11 11.08
CA VAL B 67 0.05 24.49 10.21
C VAL B 67 -1.20 24.13 11.04
N ASP B 68 -2.37 24.25 10.40
CA ASP B 68 -3.66 23.87 10.97
C ASP B 68 -3.62 22.47 11.61
N GLN B 69 -4.04 22.37 12.87
CA GLN B 69 -4.07 21.09 13.59
C GLN B 69 -4.99 20.07 12.94
N GLY B 70 -5.99 20.56 12.22
CA GLY B 70 -6.87 19.71 11.40
C GLY B 70 -6.10 18.97 10.32
N VAL B 71 -5.10 19.66 9.73
CA VAL B 71 -4.21 19.07 8.72
C VAL B 71 -3.25 18.07 9.37
N LEU B 72 -2.70 18.45 10.53
CA LEU B 72 -1.82 17.59 11.32
C LEU B 72 -2.49 16.33 11.83
N ASP B 73 -3.81 16.39 12.02
CA ASP B 73 -4.62 15.22 12.35
C ASP B 73 -4.53 14.16 11.25
N ILE B 74 -4.69 14.58 10.00
CA ILE B 74 -4.65 13.68 8.83
C ILE B 74 -3.29 13.02 8.64
N ILE B 75 -2.24 13.83 8.79
CA ILE B 75 -0.87 13.41 8.53
C ILE B 75 -0.39 12.43 9.61
N ALA B 76 -0.65 12.78 10.87
CA ALA B 76 -0.40 11.89 12.02
C ALA B 76 -1.08 10.54 11.88
N ALA B 77 -2.34 10.54 11.44
CA ALA B 77 -3.09 9.30 11.26
C ALA B 77 -2.46 8.43 10.19
N ALA B 78 -2.16 9.02 9.03
CA ALA B 78 -1.52 8.33 7.89
C ALA B 78 -0.23 7.61 8.26
N LEU B 79 0.65 8.31 8.97
CA LEU B 79 1.94 7.78 9.40
C LEU B 79 1.82 6.70 10.45
N GLU B 80 0.89 6.86 11.39
CA GLU B 80 0.65 5.86 12.43
C GLU B 80 0.06 4.60 11.83
N LEU B 81 -0.84 4.76 10.86
CA LEU B 81 -1.37 3.62 10.10
C LEU B 81 -0.29 2.86 9.33
N THR B 82 0.60 3.61 8.67
CA THR B 82 1.71 3.03 7.93
C THR B 82 2.64 2.28 8.90
N HIS B 83 3.09 2.96 9.95
CA HIS B 83 3.93 2.37 10.98
C HIS B 83 3.35 1.12 11.61
N CYS B 84 2.05 1.15 11.91
CA CYS B 84 1.38 0.01 12.54
CA CYS B 84 1.37 0.02 12.53
C CYS B 84 1.21 -1.16 11.57
N TYR B 85 0.95 -0.88 10.29
CA TYR B 85 0.89 -1.95 9.27
C TYR B 85 2.22 -2.72 9.26
N SER B 86 3.33 -1.97 9.32
CA SER B 86 4.65 -2.57 9.26
C SER B 86 4.94 -3.42 10.49
N LEU B 87 4.47 -2.98 11.66
CA LEU B 87 4.58 -3.75 12.90
C LEU B 87 3.92 -5.12 12.84
N ILE B 88 2.70 -5.16 12.29
CA ILE B 88 1.91 -6.39 12.16
C ILE B 88 2.57 -7.36 11.21
N HIS B 89 3.06 -6.85 10.09
CA HIS B 89 3.82 -7.67 9.16
C HIS B 89 5.16 -8.14 9.72
N ASP B 90 5.88 -7.26 10.41
CA ASP B 90 7.15 -7.64 11.05
C ASP B 90 6.97 -8.71 12.13
N ASP B 91 5.82 -8.71 12.81
CA ASP B 91 5.52 -9.70 13.86
C ASP B 91 5.29 -11.12 13.34
N LEU B 92 4.95 -11.26 12.05
CA LEU B 92 4.66 -12.57 11.44
C LEU B 92 5.75 -13.63 11.63
N PRO B 93 5.36 -14.93 11.72
CA PRO B 93 6.30 -16.06 11.86
C PRO B 93 7.46 -16.06 10.84
N ALA B 94 7.18 -15.70 9.60
CA ALA B 94 8.18 -15.62 8.54
C ALA B 94 9.23 -14.53 8.73
N MET B 95 8.95 -13.57 9.62
CA MET B 95 9.89 -12.50 9.92
C MET B 95 10.38 -12.53 11.37
N ASP B 96 9.99 -11.55 12.20
CA ASP B 96 10.45 -11.52 13.60
C ASP B 96 9.85 -12.61 14.48
N ASN B 97 8.71 -13.17 14.06
CA ASN B 97 8.06 -14.29 14.77
C ASN B 97 7.76 -13.95 16.25
N ASP B 98 6.99 -12.88 16.45
CA ASP B 98 6.63 -12.43 17.80
C ASP B 98 5.24 -12.93 18.18
N ASP B 99 5.17 -13.81 19.17
CA ASP B 99 3.89 -14.28 19.72
C ASP B 99 3.19 -13.17 20.48
N LEU B 100 3.99 -12.29 21.09
CA LEU B 100 3.50 -11.20 21.93
C LEU B 100 3.90 -9.84 21.38
N ARG B 101 3.00 -8.89 21.52
CA ARG B 101 3.31 -7.48 21.33
C ARG B 101 2.85 -6.76 22.59
N ARG B 102 3.82 -6.21 23.32
CA ARG B 102 3.62 -5.57 24.62
C ARG B 102 2.96 -6.54 25.62
N GLY B 103 1.79 -6.17 26.15
CA GLY B 103 1.07 -7.09 27.03
C GLY B 103 0.45 -8.26 26.26
N LYS B 104 -0.59 -7.92 25.49
CA LYS B 104 -1.44 -8.89 24.77
C LYS B 104 -0.74 -9.74 23.69
N PRO B 105 -1.43 -10.80 23.18
CA PRO B 105 -0.91 -11.50 22.00
C PRO B 105 -0.81 -10.63 20.74
N SER B 106 0.10 -10.99 19.85
CA SER B 106 0.28 -10.25 18.61
C SER B 106 -0.89 -10.56 17.68
N CYS B 107 -1.07 -9.69 16.67
CA CYS B 107 -2.24 -9.74 15.79
C CYS B 107 -2.55 -11.11 15.20
N HIS B 108 -1.54 -11.81 14.72
CA HIS B 108 -1.75 -13.13 14.08
C HIS B 108 -2.08 -14.21 15.11
N LYS B 109 -1.73 -13.98 16.38
CA LYS B 109 -2.12 -14.89 17.45
C LYS B 109 -3.53 -14.61 17.99
N ALA B 110 -3.92 -13.33 18.06
CA ALA B 110 -5.27 -12.97 18.52
C ALA B 110 -6.34 -13.25 17.47
N PHE B 111 -5.91 -13.33 16.21
CA PHE B 111 -6.82 -13.59 15.11
C PHE B 111 -6.30 -14.79 14.35
N ASP B 112 -5.80 -14.57 13.13
CA ASP B 112 -4.99 -15.57 12.42
C ASP B 112 -4.00 -14.86 11.48
N GLU B 113 -3.12 -15.64 10.84
CA GLU B 113 -2.04 -15.07 10.03
C GLU B 113 -2.57 -14.32 8.80
N ALA B 114 -3.54 -14.93 8.12
CA ALA B 114 -4.24 -14.30 6.99
C ALA B 114 -4.78 -12.92 7.36
N THR B 115 -5.45 -12.83 8.50
CA THR B 115 -6.03 -11.59 9.00
C THR B 115 -4.95 -10.56 9.28
N ALA B 116 -3.90 -10.98 9.97
CA ALA B 116 -2.71 -10.14 10.16
C ALA B 116 -2.12 -9.63 8.84
N ILE B 117 -2.05 -10.48 7.82
CA ILE B 117 -1.49 -10.06 6.54
C ILE B 117 -2.41 -9.05 5.86
N LEU B 118 -3.69 -9.43 5.72
CA LEU B 118 -4.72 -8.59 5.11
C LEU B 118 -4.93 -7.23 5.80
N VAL B 119 -4.92 -7.23 7.12
CA VAL B 119 -5.04 -5.98 7.88
C VAL B 119 -3.86 -5.04 7.63
N GLY B 120 -2.64 -5.58 7.70
CA GLY B 120 -1.43 -4.85 7.30
C GLY B 120 -1.56 -4.26 5.91
N ASP B 121 -1.99 -5.08 4.96
CA ASP B 121 -2.22 -4.63 3.59
C ASP B 121 -3.23 -3.50 3.51
N GLY B 122 -4.32 -3.64 4.26
CA GLY B 122 -5.41 -2.65 4.28
C GLY B 122 -5.06 -1.33 4.93
N MET B 123 -4.29 -1.37 6.02
CA MET B 123 -3.84 -0.14 6.71
C MET B 123 -2.87 0.67 5.87
N GLN B 124 -2.05 -0.02 5.06
CA GLN B 124 -1.15 0.68 4.15
C GLN B 124 -1.96 1.48 3.11
N ALA B 125 -2.95 0.81 2.50
CA ALA B 125 -3.91 1.46 1.60
C ALA B 125 -4.74 2.56 2.27
N LEU B 126 -5.25 2.26 3.47
CA LEU B 126 -6.08 3.22 4.23
C LEU B 126 -5.34 4.52 4.48
N ALA B 127 -4.04 4.42 4.78
CA ALA B 127 -3.22 5.60 5.03
C ALA B 127 -3.16 6.53 3.81
N ILE B 128 -3.18 5.93 2.63
CA ILE B 128 -3.18 6.68 1.38
C ILE B 128 -4.57 7.29 1.14
N GLU B 129 -5.61 6.47 1.35
CA GLU B 129 -7.01 6.91 1.26
C GLU B 129 -7.27 8.14 2.12
N VAL B 130 -6.80 8.09 3.37
CA VAL B 130 -7.01 9.16 4.34
C VAL B 130 -6.37 10.49 3.88
N LEU B 131 -5.17 10.42 3.33
CA LEU B 131 -4.47 11.61 2.82
C LEU B 131 -5.20 12.21 1.64
N LEU B 132 -5.52 11.38 0.66
CA LEU B 132 -6.17 11.83 -0.56
C LEU B 132 -7.60 12.38 -0.37
N MET B 133 -8.41 11.74 0.49
CA MET B 133 -9.79 12.19 0.67
CA MET B 133 -9.81 12.14 0.72
C MET B 133 -9.95 13.32 1.69
N ARG B 134 -9.16 13.31 2.76
CA ARG B 134 -9.32 14.32 3.82
C ARG B 134 -8.39 15.53 3.72
N LEU B 135 -7.33 15.45 2.91
CA LEU B 135 -6.48 16.64 2.68
C LEU B 135 -6.92 17.49 1.49
N SER B 136 -7.71 16.90 0.59
CA SER B 136 -8.27 17.61 -0.56
C SER B 136 -9.12 18.86 -0.24
N PRO B 137 -9.98 18.83 0.83
CA PRO B 137 -10.73 20.07 1.08
C PRO B 137 -9.95 21.17 1.80
N LEU B 138 -8.78 20.81 2.35
CA LEU B 138 -8.02 21.74 3.19
C LEU B 138 -6.78 22.33 2.49
N LEU B 139 -6.39 21.70 1.38
CA LEU B 139 -5.11 21.97 0.73
C LEU B 139 -5.25 21.80 -0.79
N PRO B 140 -4.42 22.53 -1.59
CA PRO B 140 -4.52 22.36 -3.05
C PRO B 140 -4.01 21.00 -3.49
N ALA B 141 -4.46 20.54 -4.65
CA ALA B 141 -4.21 19.18 -5.12
C ALA B 141 -2.72 18.83 -5.27
N ALA B 142 -1.91 19.81 -5.68
CA ALA B 142 -0.46 19.64 -5.80
C ALA B 142 0.22 19.40 -4.45
N GLN B 143 -0.38 19.93 -3.39
CA GLN B 143 0.12 19.74 -2.04
C GLN B 143 -0.30 18.37 -1.52
N VAL B 144 -1.47 17.90 -1.92
CA VAL B 144 -1.94 16.56 -1.58
C VAL B 144 -1.02 15.51 -2.21
N VAL B 145 -0.65 15.73 -3.48
CA VAL B 145 0.28 14.87 -4.21
C VAL B 145 1.65 14.82 -3.53
N ALA B 146 2.20 15.99 -3.22
CA ALA B 146 3.52 16.13 -2.63
C ALA B 146 3.70 15.39 -1.31
N ILE B 147 2.74 15.52 -0.40
CA ILE B 147 2.91 14.89 0.92
C ILE B 147 2.64 13.38 0.88
N THR B 148 1.74 12.94 -0.01
CA THR B 148 1.46 11.51 -0.23
C THR B 148 2.68 10.83 -0.86
N GLN B 149 3.38 11.57 -1.74
CA GLN B 149 4.67 11.15 -2.31
C GLN B 149 5.70 10.79 -1.25
N VAL B 150 5.89 11.69 -0.30
CA VAL B 150 6.81 11.51 0.83
C VAL B 150 6.61 10.20 1.60
N LEU B 151 5.35 9.88 1.93
CA LEU B 151 5.00 8.67 2.67
C LEU B 151 5.37 7.41 1.89
N VAL B 152 4.91 7.37 0.65
CA VAL B 152 5.10 6.22 -0.20
C VAL B 152 6.58 6.00 -0.62
N ASN B 153 7.35 7.10 -0.74
CA ASN B 153 8.79 7.03 -0.99
CA ASN B 153 8.78 6.99 -1.00
C ASN B 153 9.51 6.34 0.16
N ALA B 154 9.21 6.82 1.37
CA ALA B 154 9.86 6.36 2.60
C ALA B 154 9.46 4.93 3.00
N SER B 155 8.23 4.54 2.69
CA SER B 155 7.67 3.28 3.16
C SER B 155 7.88 2.13 2.17
N GLY B 156 8.22 2.46 0.93
CA GLY B 156 8.28 1.46 -0.13
C GLY B 156 9.64 0.79 -0.29
N ILE B 157 9.88 0.31 -1.52
CA ILE B 157 11.11 -0.40 -1.89
C ILE B 157 12.40 0.43 -1.83
N SER B 158 12.27 1.76 -1.87
CA SER B 158 13.43 2.64 -1.71
C SER B 158 13.75 2.90 -0.25
N GLY B 159 12.83 2.52 0.64
CA GLY B 159 12.99 2.78 2.05
C GLY B 159 12.75 1.57 2.92
N MET B 160 11.65 1.64 3.68
CA MET B 160 11.25 0.65 4.68
C MET B 160 11.26 -0.78 4.19
N VAL B 161 10.69 -1.03 3.00
CA VAL B 161 10.64 -2.41 2.50
C VAL B 161 12.05 -3.02 2.29
N SER B 162 12.93 -2.30 1.60
CA SER B 162 14.33 -2.71 1.45
C SER B 162 15.05 -2.81 2.77
N GLY B 163 14.85 -1.82 3.65
CA GLY B 163 15.49 -1.81 4.96
C GLY B 163 15.14 -3.00 5.84
N GLN B 164 13.88 -3.42 5.81
CA GLN B 164 13.46 -4.56 6.60
C GLN B 164 13.97 -5.87 6.00
N SER B 165 13.99 -5.95 4.68
CA SER B 165 14.54 -7.11 3.98
C SER B 165 16.00 -7.32 4.36
N LEU B 166 16.77 -6.24 4.32
CA LEU B 166 18.17 -6.24 4.72
C LEU B 166 18.37 -6.48 6.22
N ASP B 167 17.46 -5.98 7.05
CA ASP B 167 17.50 -6.25 8.51
C ASP B 167 17.41 -7.75 8.80
N LEU B 168 16.57 -8.46 8.06
CA LEU B 168 16.36 -9.90 8.27
C LEU B 168 17.49 -10.76 7.72
N SER B 169 18.09 -10.34 6.60
CA SER B 169 19.11 -11.14 5.93
C SER B 169 20.54 -10.85 6.42
N GLU B 170 20.88 -9.56 6.50
CA GLU B 170 22.28 -9.14 6.72
C GLU B 170 22.78 -9.25 8.16
N LEU B 171 21.94 -8.86 9.11
CA LEU B 171 22.31 -8.84 10.53
C LEU B 171 22.58 -10.23 11.14
N ALA B 172 22.13 -11.27 10.44
CA ALA B 172 22.35 -12.67 10.84
C ALA B 172 23.83 -13.04 10.90
N LYS B 173 24.57 -12.68 9.85
CA LYS B 173 26.01 -12.97 9.77
C LYS B 173 26.85 -11.86 10.41
N SER B 174 28.15 -12.10 10.53
CA SER B 174 29.07 -11.10 11.08
C SER B 174 29.99 -10.52 10.00
N SER B 175 29.42 -10.32 8.81
CA SER B 175 30.12 -9.65 7.71
C SER B 175 29.75 -8.16 7.66
N VAL B 176 28.72 -7.80 8.42
CA VAL B 176 28.11 -6.47 8.35
C VAL B 176 28.95 -5.37 9.01
N THR B 177 29.17 -4.29 8.26
CA THR B 177 29.91 -3.14 8.75
C THR B 177 28.96 -2.18 9.47
N GLU B 178 29.54 -1.21 10.17
CA GLU B 178 28.78 -0.12 10.78
C GLU B 178 28.03 0.70 9.73
N GLU B 179 28.66 0.85 8.56
CA GLU B 179 28.11 1.62 7.44
C GLU B 179 26.84 0.97 6.88
N GLN B 180 26.86 -0.35 6.77
CA GLN B 180 25.69 -1.12 6.33
C GLN B 180 24.59 -1.11 7.38
N LEU B 181 24.98 -1.21 8.67
CA LEU B 181 24.03 -1.17 9.78
C LEU B 181 23.29 0.18 9.85
N ARG B 182 24.04 1.26 9.65
CA ARG B 182 23.49 2.61 9.60
C ARG B 182 22.54 2.77 8.41
N GLU B 183 22.94 2.20 7.27
CA GLU B 183 22.11 2.25 6.06
C GLU B 183 20.80 1.50 6.25
N ILE B 184 20.88 0.29 6.83
CA ILE B 184 19.72 -0.55 7.13
C ILE B 184 18.72 0.18 8.02
N HIS B 185 19.19 0.75 9.12
CA HIS B 185 18.35 1.51 10.05
C HIS B 185 17.78 2.81 9.46
N LEU B 186 18.54 3.45 8.57
CA LEU B 186 18.05 4.66 7.87
C LEU B 186 16.88 4.30 6.96
N LEU B 187 16.98 3.16 6.29
CA LEU B 187 15.89 2.75 5.41
C LEU B 187 14.69 2.20 6.18
N LYS B 188 14.96 1.43 7.24
CA LYS B 188 13.90 0.75 7.97
C LYS B 188 13.10 1.70 8.86
N THR B 189 13.79 2.43 9.73
CA THR B 189 13.13 3.39 10.60
C THR B 189 13.39 4.84 10.20
N GLY B 190 14.64 5.17 9.88
CA GLY B 190 15.07 6.55 9.68
C GLY B 190 14.30 7.40 8.70
N LYS B 191 13.88 6.80 7.58
CA LYS B 191 13.15 7.52 6.55
C LYS B 191 11.69 7.85 6.88
N LEU B 192 11.03 7.01 7.67
CA LEU B 192 9.63 7.27 8.02
C LEU B 192 9.56 8.27 9.16
N ILE B 193 10.58 8.29 10.02
CA ILE B 193 10.73 9.32 11.03
C ILE B 193 10.96 10.69 10.36
N LEU B 194 11.80 10.70 9.33
CA LEU B 194 12.02 11.88 8.49
C LEU B 194 10.73 12.36 7.85
N ALA B 195 9.92 11.40 7.42
CA ALA B 195 8.65 11.67 6.72
C ALA B 195 7.67 12.51 7.56
N CYS B 196 7.73 12.39 8.90
CA CYS B 196 6.98 13.28 9.78
C CYS B 196 7.28 14.74 9.47
N PHE B 197 8.56 15.04 9.33
CA PHE B 197 9.03 16.41 9.12
C PHE B 197 8.85 16.83 7.66
N GLU B 198 9.12 15.92 6.73
CA GLU B 198 8.91 16.23 5.31
C GLU B 198 7.45 16.46 4.96
N MET B 199 6.55 15.63 5.48
CA MET B 199 5.11 15.78 5.23
C MET B 199 4.56 17.10 5.81
N VAL B 200 5.06 17.46 7.00
CA VAL B 200 4.71 18.73 7.62
C VAL B 200 5.25 19.92 6.80
N LEU B 201 6.51 19.86 6.38
CA LEU B 201 7.13 20.92 5.56
C LEU B 201 6.42 21.13 4.23
N ALA B 202 5.94 20.05 3.65
CA ALA B 202 5.23 20.11 2.38
C ALA B 202 3.78 20.62 2.49
N ALA B 203 3.39 21.11 3.66
CA ALA B 203 2.09 21.74 3.84
C ALA B 203 2.12 23.22 3.47
N GLN B 204 3.30 23.83 3.56
CA GLN B 204 3.46 25.25 3.22
C GLN B 204 4.10 25.40 1.84
N HIS B 205 3.92 26.57 1.23
CA HIS B 205 4.48 26.85 -0.09
C HIS B 205 5.99 27.12 -0.06
N GLU B 206 6.40 28.10 0.73
CA GLU B 206 7.80 28.42 0.89
C GLU B 206 8.15 28.59 2.36
N VAL B 207 8.75 27.55 2.92
CA VAL B 207 9.29 27.61 4.28
C VAL B 207 10.74 28.05 4.15
N SER B 208 11.23 28.78 5.15
CA SER B 208 12.62 29.18 5.23
C SER B 208 13.55 27.98 5.15
N GLU B 209 14.65 28.14 4.41
CA GLU B 209 15.67 27.10 4.25
C GLU B 209 16.37 26.74 5.56
N GLN B 210 16.52 27.73 6.45
CA GLN B 210 17.05 27.51 7.79
C GLN B 210 16.15 26.60 8.63
N ILE B 211 14.83 26.80 8.49
CA ILE B 211 13.82 25.98 9.18
C ILE B 211 13.80 24.55 8.64
N LYS B 212 13.79 24.43 7.31
CA LYS B 212 13.86 23.13 6.63
C LYS B 212 15.06 22.32 7.10
N SER B 213 16.22 22.96 7.11
CA SER B 213 17.48 22.34 7.51
C SER B 213 17.52 21.95 8.97
N ALA B 214 16.92 22.78 9.84
CA ALA B 214 16.87 22.52 11.27
C ALA B 214 16.02 21.30 11.60
N LEU B 215 14.84 21.21 10.99
CA LEU B 215 13.95 20.07 11.16
C LEU B 215 14.52 18.79 10.54
N ARG B 216 15.18 18.93 9.38
CA ARG B 216 15.83 17.80 8.72
C ARG B 216 17.02 17.25 9.53
N THR B 217 17.71 18.14 10.25
CA THR B 217 18.82 17.77 11.14
C THR B 217 18.29 17.03 12.37
N TYR B 218 17.22 17.57 12.97
CA TYR B 218 16.56 16.93 14.11
C TYR B 218 16.05 15.53 13.74
N GLY B 219 15.32 15.44 12.63
CA GLY B 219 14.75 14.19 12.14
C GLY B 219 15.78 13.10 11.92
N LYS B 220 16.87 13.46 11.24
CA LYS B 220 17.96 12.53 10.93
C LYS B 220 18.59 11.99 12.21
N HIS B 221 18.91 12.89 13.14
CA HIS B 221 19.65 12.53 14.33
C HIS B 221 18.80 11.89 15.42
N ILE B 222 17.50 12.22 15.44
CA ILE B 222 16.57 11.57 16.36
C ILE B 222 16.24 10.13 15.90
N GLY B 223 16.11 9.95 14.59
CA GLY B 223 15.86 8.64 13.99
C GLY B 223 17.00 7.66 14.18
N LEU B 224 18.23 8.17 14.14
CA LEU B 224 19.42 7.34 14.33
C LEU B 224 19.58 6.98 15.80
N VAL B 225 19.42 7.97 16.67
CA VAL B 225 19.69 7.79 18.10
C VAL B 225 18.65 6.89 18.82
N PHE B 226 17.44 6.77 18.27
CA PHE B 226 16.42 5.87 18.83
C PHE B 226 16.92 4.45 18.78
N GLN B 227 17.53 4.12 17.63
CA GLN B 227 18.03 2.81 17.35
C GLN B 227 19.28 2.50 18.15
N MET B 228 20.09 3.53 18.35
CA MET B 228 21.24 3.45 19.24
C MET B 228 20.77 3.15 20.66
N GLN B 229 19.72 3.84 21.08
CA GLN B 229 19.12 3.61 22.39
C GLN B 229 18.48 2.22 22.52
N ASP B 230 17.78 1.78 21.48
CA ASP B 230 17.14 0.46 21.47
C ASP B 230 18.15 -0.68 21.66
N ASP B 231 19.23 -0.65 20.88
CA ASP B 231 20.32 -1.63 20.97
C ASP B 231 21.04 -1.59 22.31
N TYR B 232 21.21 -0.39 22.85
CA TYR B 232 21.78 -0.18 24.18
C TYR B 232 20.97 -0.87 25.27
N LEU B 233 19.68 -0.55 25.32
CA LEU B 233 18.75 -1.12 26.30
C LEU B 233 18.64 -2.64 26.18
N ASP B 234 18.52 -3.13 24.94
CA ASP B 234 18.47 -4.56 24.60
C ASP B 234 19.49 -5.43 25.32
N LEU B 235 20.72 -4.92 25.42
CA LEU B 235 21.84 -5.65 26.00
C LEU B 235 22.10 -5.27 27.46
N TYR B 236 21.75 -4.05 27.85
CA TYR B 236 22.11 -3.57 29.19
C TYR B 236 20.97 -3.50 30.22
N ALA B 237 19.73 -3.67 29.76
CA ALA B 237 18.56 -3.76 30.63
C ALA B 237 17.41 -4.49 29.94
N LYS B 254 22.77 -10.84 15.05
CA LYS B 254 23.57 -10.83 16.27
C LYS B 254 24.21 -9.47 16.49
N THR B 255 24.59 -8.80 15.41
CA THR B 255 25.36 -7.56 15.49
C THR B 255 24.51 -6.27 15.46
N THR B 256 24.73 -5.44 16.48
CA THR B 256 23.97 -4.22 16.73
C THR B 256 24.92 -3.03 16.89
N PHE B 257 24.39 -1.92 17.41
CA PHE B 257 25.21 -0.79 17.83
C PHE B 257 25.98 -1.13 19.12
N ALA B 258 25.43 -2.07 19.89
CA ALA B 258 26.06 -2.53 21.13
C ALA B 258 27.26 -3.47 20.89
N THR B 259 27.35 -4.05 19.70
CA THR B 259 28.50 -4.87 19.33
C THR B 259 29.65 -4.00 18.79
N LEU B 260 29.28 -2.97 18.03
CA LEU B 260 30.26 -2.07 17.41
C LEU B 260 30.85 -1.05 18.38
N PHE B 261 30.07 -0.66 19.38
CA PHE B 261 30.52 0.26 20.42
C PHE B 261 30.48 -0.43 21.78
N ASN B 262 31.39 -0.06 22.66
CA ASN B 262 31.33 -0.54 24.04
C ASN B 262 30.33 0.29 24.86
N LYS B 263 30.18 -0.07 26.14
CA LYS B 263 29.28 0.60 27.09
C LYS B 263 29.35 2.13 27.05
N GLN B 264 30.52 2.68 27.37
CA GLN B 264 30.72 4.13 27.46
C GLN B 264 30.97 4.80 26.11
N GLN B 265 31.01 3.99 25.06
CA GLN B 265 31.17 4.48 23.70
C GLN B 265 29.80 4.68 23.07
N LEU B 266 28.90 3.71 23.27
CA LEU B 266 27.53 3.84 22.79
C LEU B 266 26.81 4.94 23.55
N GLU B 267 27.08 5.03 24.85
CA GLU B 267 26.66 6.16 25.69
C GLU B 267 27.11 7.50 25.13
N GLU B 268 28.37 7.57 24.71
CA GLU B 268 28.96 8.76 24.10
C GLU B 268 28.21 9.16 22.83
N GLU B 269 27.89 8.18 22.00
CA GLU B 269 27.12 8.40 20.79
C GLU B 269 25.72 8.95 21.07
N ILE B 270 25.04 8.40 22.08
CA ILE B 270 23.69 8.83 22.49
C ILE B 270 23.64 10.33 22.76
N ALA B 271 24.52 10.79 23.66
CA ALA B 271 24.58 12.18 24.06
C ALA B 271 24.95 13.13 22.91
N VAL B 272 25.84 12.69 22.04
CA VAL B 272 26.34 13.48 20.91
C VAL B 272 25.23 13.76 19.89
N HIS B 273 24.48 12.71 19.53
CA HIS B 273 23.41 12.85 18.55
C HIS B 273 22.19 13.58 19.10
N TYR B 274 21.93 13.41 20.39
CA TYR B 274 20.91 14.20 21.08
C TYR B 274 21.25 15.67 21.14
N GLN B 275 22.52 16.01 21.41
CA GLN B 275 22.97 17.40 21.39
C GLN B 275 22.83 18.08 20.04
N ILE B 276 23.16 17.36 18.96
CA ILE B 276 22.96 17.85 17.59
C ILE B 276 21.48 18.11 17.32
N ALA B 277 20.64 17.17 17.76
CA ALA B 277 19.19 17.29 17.67
C ALA B 277 18.68 18.47 18.52
N MET B 278 19.19 18.58 19.74
CA MET B 278 18.87 19.72 20.61
C MET B 278 19.26 21.07 19.99
N ASP B 279 20.46 21.14 19.43
CA ASP B 279 21.00 22.39 18.87
C ASP B 279 20.24 22.90 17.65
N SER B 280 19.75 21.98 16.82
CA SER B 280 18.94 22.34 15.65
C SER B 280 17.63 23.06 16.00
N LEU B 281 17.17 22.90 17.24
CA LEU B 281 15.92 23.53 17.69
C LEU B 281 16.11 24.92 18.28
N ARG B 282 17.36 25.35 18.45
CA ARG B 282 17.71 26.66 19.03
C ARG B 282 17.22 27.84 18.19
N LEU B 283 17.01 27.59 16.89
CA LEU B 283 16.45 28.56 15.95
C LEU B 283 15.07 29.03 16.42
N PHE B 284 14.24 28.09 16.88
CA PHE B 284 12.84 28.37 17.18
C PHE B 284 12.65 29.04 18.55
N GLY B 285 13.66 28.94 19.40
CA GLY B 285 13.64 29.57 20.73
C GLY B 285 12.56 29.02 21.65
N SER B 286 11.65 29.91 22.07
CA SER B 286 10.55 29.58 22.98
C SER B 286 9.57 28.57 22.41
N LYS B 287 9.25 28.72 21.12
CA LYS B 287 8.25 27.91 20.42
C LYS B 287 8.48 26.39 20.44
N ALA B 288 9.71 25.98 20.72
CA ALA B 288 10.14 24.59 20.65
C ALA B 288 10.25 23.92 22.01
N ALA B 289 9.81 24.62 23.05
CA ALA B 289 9.97 24.17 24.44
C ALA B 289 9.34 22.81 24.73
N ALA B 290 8.21 22.54 24.07
CA ALA B 290 7.52 21.26 24.21
C ALA B 290 8.26 20.13 23.48
N LEU B 291 8.80 20.45 22.31
CA LEU B 291 9.62 19.50 21.54
C LEU B 291 10.93 19.19 22.24
N ILE B 292 11.50 20.21 22.89
CA ILE B 292 12.72 20.07 23.68
C ILE B 292 12.47 19.16 24.88
N GLU B 293 11.32 19.38 25.53
CA GLU B 293 10.86 18.53 26.63
C GLU B 293 10.64 17.07 26.25
N LEU B 294 10.04 16.83 25.09
CA LEU B 294 9.92 15.47 24.55
C LEU B 294 11.30 14.85 24.33
N THR B 295 12.20 15.62 23.69
CA THR B 295 13.58 15.21 23.42
C THR B 295 14.35 14.85 24.71
N LYS B 296 14.11 15.59 25.79
CA LYS B 296 14.71 15.29 27.09
C LYS B 296 14.21 13.98 27.72
N GLN B 297 12.91 13.70 27.55
CA GLN B 297 12.32 12.43 28.02
C GLN B 297 12.88 11.27 27.24
N LEU B 298 12.92 11.43 25.92
CA LEU B 298 13.46 10.42 25.01
C LEU B 298 14.92 10.11 25.30
N GLN B 299 15.70 11.15 25.59
CA GLN B 299 17.09 11.00 26.03
C GLN B 299 17.19 10.28 27.38
N ASN B 300 16.24 10.58 28.27
CA ASN B 300 16.19 10.01 29.62
C ASN B 300 15.79 8.53 29.68
N ARG B 301 15.45 7.94 28.55
CA ARG B 301 15.15 6.50 28.46
C ARG B 301 16.38 5.61 28.70
N SER B 302 17.55 6.24 28.82
CA SER B 302 18.82 5.53 28.98
C SER B 302 19.72 6.13 30.06
N ASN B 303 19.14 6.81 31.04
CA ASN B 303 19.89 7.55 32.07
C ASN B 303 20.46 6.71 33.23
N LEU B 304 20.46 5.39 33.07
CA LEU B 304 20.90 4.41 34.09
C LEU B 304 22.15 4.79 34.90
P PO4 C . -4.69 -12.47 -15.00
O1 PO4 C . -5.15 -13.73 -15.70
O2 PO4 C . -3.42 -12.75 -14.22
O3 PO4 C . -4.43 -11.38 -16.02
O4 PO4 C . -5.78 -12.03 -14.05
P PO4 D . 5.25 1.42 18.85
O1 PO4 D . 6.44 1.43 17.91
O2 PO4 D . 5.40 2.53 19.88
O3 PO4 D . 4.00 1.64 18.05
O4 PO4 D . 5.16 0.10 19.56
P PO4 E . 24.62 16.76 9.99
O1 PO4 E . 25.17 15.46 10.41
O2 PO4 E . 24.59 17.84 11.00
O3 PO4 E . 25.47 17.11 8.84
O4 PO4 E . 23.21 16.65 9.59
#